data_3DH8
#
_entry.id   3DH8
#
_cell.length_a   60.980
_cell.length_b   60.980
_cell.length_c   146.820
_cell.angle_alpha   90.00
_cell.angle_beta   90.00
_cell.angle_gamma   120.00
#
_symmetry.space_group_name_H-M   'P 32 2 1'
#
loop_
_entity.id
_entity.type
_entity.pdbx_description
1 polymer 'Uncharacterized protein PA1000'
2 non-polymer 'FE (III) ION'
3 non-polymer 'bis(4-nitrophenyl) hydrogen phosphate'
4 water water
#
_entity_poly.entity_id   1
_entity_poly.type   'polypeptide(L)'
_entity_poly.pdbx_seq_one_letter_code
;SHMLRLSAPGQLDDDLCLLGDVQVPVFLLRLGEASWALVEGGISRDAELVWADLCRWVADPSQVHYWLITHKHYDHCGLL
PYLCPRLPNVQVLASERTCQAWKSESAVRVVERLNRQLLRAEQRLPEACAWDALPVRAVADGEWLELGPRHRLQVIEAHG
HSDDHVVFYDVRRRRLFCGDALGAFDEAEGVWRPLVFDDMEAYLESLERLQRLPTLLQLIPGHGGLLRGRLAADGAESAY
TECLRLCRRLLWRQSMGESLDELSEELHRAWGGQSVDFLPGELHLGSMRRMLEILSRQALPLD
;
_entity_poly.pdbx_strand_id   A
#
loop_
_chem_comp.id
_chem_comp.type
_chem_comp.name
_chem_comp.formula
B4N non-polymer 'bis(4-nitrophenyl) hydrogen phosphate' 'C12 H9 N2 O8 P'
FE non-polymer 'FE (III) ION' 'Fe 3'
#
# COMPACT_ATOMS: atom_id res chain seq x y z
N SER A 1 -22.78 3.11 -0.45
CA SER A 1 -21.48 3.02 0.29
C SER A 1 -21.68 3.22 1.80
N HIS A 2 -20.58 3.25 2.55
CA HIS A 2 -20.64 3.26 4.00
C HIS A 2 -19.97 4.53 4.53
N MET A 3 -20.65 5.24 5.47
CA MET A 3 -20.16 6.52 6.03
C MET A 3 -18.76 6.39 6.59
N LEU A 4 -18.38 5.18 7.04
CA LEU A 4 -17.02 4.94 7.67
C LEU A 4 -15.90 4.70 6.69
N ARG A 5 -16.20 4.71 5.38
CA ARG A 5 -15.15 4.44 4.41
C ARG A 5 -15.36 5.51 3.35
N LEU A 6 -14.35 6.35 3.11
CA LEU A 6 -14.29 7.27 1.96
C LEU A 6 -13.59 6.60 0.81
N SER A 7 -14.29 6.49 -0.29
CA SER A 7 -13.76 5.71 -1.39
C SER A 7 -14.10 6.29 -2.71
N ALA A 8 -14.14 7.63 -2.82
CA ALA A 8 -14.39 8.44 -4.10
C ALA A 8 -13.08 9.16 -4.39
N PRO A 9 -12.67 9.30 -5.65
CA PRO A 9 -11.57 10.20 -5.96
C PRO A 9 -11.88 11.63 -5.57
N GLY A 10 -10.85 12.37 -5.27
CA GLY A 10 -10.90 13.76 -5.02
C GLY A 10 -10.64 14.06 -3.55
N GLN A 11 -11.30 15.11 -3.09
CA GLN A 11 -10.93 15.63 -1.75
C GLN A 11 -11.44 14.71 -0.67
N LEU A 12 -10.59 14.33 0.29
CA LEU A 12 -10.94 13.43 1.43
C LEU A 12 -10.98 14.22 2.75
N ASP A 13 -10.11 15.21 2.85
CA ASP A 13 -10.02 16.01 4.07
C ASP A 13 -9.44 17.29 3.61
N ASP A 14 -9.34 18.26 4.53
CA ASP A 14 -8.88 19.56 4.14
CA ASP A 14 -8.88 19.59 4.14
C ASP A 14 -7.54 19.58 3.43
N ASP A 15 -6.66 18.65 3.80
CA ASP A 15 -5.32 18.59 3.26
C ASP A 15 -4.99 17.38 2.40
N LEU A 16 -6.01 16.61 2.04
CA LEU A 16 -5.78 15.23 1.54
C LEU A 16 -6.76 14.92 0.38
N CYS A 17 -6.20 14.47 -0.74
CA CYS A 17 -7.01 14.11 -1.86
C CYS A 17 -6.60 12.70 -2.31
N LEU A 18 -7.52 11.99 -2.94
CA LEU A 18 -7.27 10.70 -3.55
C LEU A 18 -7.16 10.86 -5.08
N LEU A 19 -6.00 10.49 -5.62
CA LEU A 19 -5.75 10.50 -7.05
C LEU A 19 -5.88 9.09 -7.63
N GLY A 20 -6.45 8.98 -8.83
CA GLY A 20 -6.46 7.71 -9.47
C GLY A 20 -7.63 6.83 -9.01
N ASP A 21 -7.40 5.54 -9.19
CA ASP A 21 -8.39 4.53 -8.84
C ASP A 21 -8.30 4.26 -7.35
N VAL A 22 -9.46 4.18 -6.69
CA VAL A 22 -9.55 3.83 -5.32
CA VAL A 22 -9.44 3.87 -5.28
C VAL A 22 -8.95 2.46 -4.97
N GLN A 23 -8.97 1.56 -5.96
CA GLN A 23 -8.31 0.24 -5.73
C GLN A 23 -6.79 0.32 -5.61
N VAL A 24 -6.13 1.31 -6.24
CA VAL A 24 -4.65 1.47 -6.17
CA VAL A 24 -4.66 1.46 -6.19
C VAL A 24 -4.33 2.93 -6.13
N PRO A 25 -4.75 3.58 -5.04
CA PRO A 25 -4.76 5.03 -4.95
C PRO A 25 -3.39 5.64 -4.75
N VAL A 26 -3.25 6.87 -5.17
CA VAL A 26 -2.15 7.76 -4.80
C VAL A 26 -2.76 8.89 -4.03
N PHE A 27 -2.22 9.17 -2.86
CA PHE A 27 -2.71 10.23 -2.04
C PHE A 27 -1.85 11.51 -2.20
N LEU A 28 -2.53 12.60 -2.18
CA LEU A 28 -1.94 13.94 -2.38
C LEU A 28 -2.20 14.69 -1.07
N LEU A 29 -1.09 15.12 -0.44
CA LEU A 29 -1.12 15.95 0.77
C LEU A 29 -0.68 17.38 0.44
N ARG A 30 -1.50 18.37 0.87
CA ARG A 30 -1.20 19.77 0.66
C ARG A 30 -0.39 20.24 1.89
N LEU A 31 0.87 20.56 1.71
CA LEU A 31 1.75 20.85 2.83
C LEU A 31 1.84 22.34 3.09
N GLY A 32 1.52 23.13 2.08
CA GLY A 32 1.41 24.57 2.22
C GLY A 32 0.98 25.22 0.95
N GLU A 33 1.10 26.58 0.88
CA GLU A 33 0.65 27.27 -0.33
C GLU A 33 1.28 26.73 -1.58
N ALA A 34 2.54 26.38 -1.46
CA ALA A 34 3.35 26.04 -2.65
C ALA A 34 4.12 24.73 -2.45
N SER A 35 3.54 23.76 -1.74
CA SER A 35 4.26 22.53 -1.44
C SER A 35 3.25 21.38 -1.21
N TRP A 36 3.62 20.24 -1.76
CA TRP A 36 2.78 19.06 -1.76
C TRP A 36 3.58 17.80 -1.57
N ALA A 37 2.92 16.69 -1.13
CA ALA A 37 3.58 15.37 -1.05
C ALA A 37 2.62 14.31 -1.64
N LEU A 38 3.17 13.28 -2.21
CA LEU A 38 2.36 12.13 -2.61
C LEU A 38 2.68 11.01 -1.65
N VAL A 39 1.69 10.12 -1.41
CA VAL A 39 1.86 8.93 -0.62
C VAL A 39 1.22 7.74 -1.34
N GLU A 40 2.02 6.72 -1.49
CA GLU A 40 1.85 5.46 -2.27
C GLU A 40 2.18 5.65 -3.72
N GLY A 41 2.75 4.59 -4.31
CA GLY A 41 3.28 4.68 -5.65
C GLY A 41 2.58 4.02 -6.79
N GLY A 42 1.46 3.35 -6.56
CA GLY A 42 0.60 2.84 -7.56
C GLY A 42 1.09 1.85 -8.54
N ILE A 43 0.35 1.71 -9.63
CA ILE A 43 0.69 0.82 -10.75
C ILE A 43 0.99 1.63 -11.97
N SER A 44 1.95 1.15 -12.75
CA SER A 44 2.49 1.91 -13.86
C SER A 44 1.44 2.31 -14.90
N ARG A 45 0.50 1.45 -15.17
CA ARG A 45 -0.45 1.76 -16.23
C ARG A 45 -1.38 2.94 -15.87
N ASP A 46 -1.40 3.33 -14.61
CA ASP A 46 -2.22 4.49 -14.18
C ASP A 46 -1.50 5.80 -14.29
N ALA A 47 -0.30 5.85 -14.90
CA ALA A 47 0.46 7.10 -14.88
C ALA A 47 -0.29 8.27 -15.44
N GLU A 48 -0.91 8.13 -16.62
CA GLU A 48 -1.61 9.27 -17.24
C GLU A 48 -2.87 9.63 -16.41
N LEU A 49 -3.54 8.65 -15.85
CA LEU A 49 -4.70 8.99 -15.04
C LEU A 49 -4.32 9.77 -13.79
N VAL A 50 -3.37 9.26 -13.05
CA VAL A 50 -2.87 9.96 -11.85
C VAL A 50 -2.27 11.33 -12.18
N TRP A 51 -1.50 11.42 -13.25
CA TRP A 51 -1.01 12.74 -13.74
C TRP A 51 -2.15 13.71 -13.99
N ALA A 52 -3.17 13.26 -14.69
CA ALA A 52 -4.26 14.12 -14.98
C ALA A 52 -4.95 14.64 -13.74
N ASP A 53 -5.21 13.75 -12.79
CA ASP A 53 -5.88 14.09 -11.56
C ASP A 53 -4.96 15.04 -10.77
N LEU A 54 -3.63 14.75 -10.74
CA LEU A 54 -2.69 15.60 -9.97
C LEU A 54 -2.75 17.05 -10.50
N CYS A 55 -2.82 17.23 -11.82
CA CYS A 55 -2.71 18.53 -12.42
C CYS A 55 -3.96 19.34 -12.18
N ARG A 56 -5.05 18.69 -11.77
CA ARG A 56 -6.21 19.39 -11.34
C ARG A 56 -6.10 20.08 -10.01
N TRP A 57 -5.22 19.61 -9.16
CA TRP A 57 -5.08 20.18 -7.83
C TRP A 57 -3.81 21.01 -7.75
N VAL A 58 -2.80 20.62 -8.53
CA VAL A 58 -1.49 21.19 -8.45
C VAL A 58 -1.15 21.88 -9.82
N ALA A 59 -1.27 23.21 -9.79
CA ALA A 59 -0.97 24.04 -10.98
C ALA A 59 0.48 23.94 -11.40
N ASP A 60 1.39 23.86 -10.44
CA ASP A 60 2.82 23.74 -10.73
C ASP A 60 3.40 22.49 -10.11
N PRO A 61 3.58 21.43 -10.91
CA PRO A 61 4.15 20.16 -10.39
C PRO A 61 5.55 20.22 -9.81
N SER A 62 6.27 21.33 -10.03
CA SER A 62 7.56 21.54 -9.34
C SER A 62 7.37 21.75 -7.85
N GLN A 63 6.14 21.92 -7.38
CA GLN A 63 5.85 22.06 -5.96
C GLN A 63 5.59 20.76 -5.25
N VAL A 64 5.65 19.65 -5.98
CA VAL A 64 5.56 18.30 -5.39
C VAL A 64 6.95 17.94 -4.86
N HIS A 65 7.11 17.99 -3.55
CA HIS A 65 8.42 17.83 -2.94
C HIS A 65 8.80 16.48 -2.41
N TYR A 66 7.80 15.70 -2.01
CA TYR A 66 8.07 14.39 -1.45
C TYR A 66 7.14 13.30 -2.00
N TRP A 67 7.60 12.07 -2.06
CA TRP A 67 6.74 10.93 -2.47
C TRP A 67 7.12 9.79 -1.50
N LEU A 68 6.19 9.45 -0.59
CA LEU A 68 6.39 8.46 0.47
C LEU A 68 5.93 7.11 -0.04
N ILE A 69 6.75 6.10 0.16
CA ILE A 69 6.51 4.72 -0.35
C ILE A 69 6.55 3.67 0.77
N THR A 70 5.49 2.88 0.84
CA THR A 70 5.36 1.97 1.98
C THR A 70 6.19 0.69 1.75
N HIS A 71 6.24 0.20 0.53
CA HIS A 71 6.94 -1.03 0.25
C HIS A 71 7.14 -1.27 -1.25
N LYS A 72 8.02 -2.22 -1.54
CA LYS A 72 8.50 -2.48 -2.89
C LYS A 72 7.62 -3.32 -3.82
N HIS A 73 6.47 -3.76 -3.37
CA HIS A 73 5.58 -4.45 -4.23
C HIS A 73 5.15 -3.65 -5.44
N TYR A 74 5.00 -4.35 -6.57
CA TYR A 74 4.82 -3.64 -7.87
C TYR A 74 3.70 -2.64 -7.92
N ASP A 75 2.69 -2.89 -7.12
CA ASP A 75 1.46 -2.03 -7.02
C ASP A 75 1.59 -0.87 -6.03
N HIS A 76 2.77 -0.69 -5.47
CA HIS A 76 3.03 0.42 -4.56
C HIS A 76 4.21 1.26 -5.00
N CYS A 77 4.80 0.96 -6.12
CA CYS A 77 5.87 1.78 -6.63
C CYS A 77 5.92 1.85 -8.13
N GLY A 78 4.88 1.36 -8.84
CA GLY A 78 4.89 1.27 -10.31
C GLY A 78 4.93 2.62 -11.05
N LEU A 79 4.50 3.68 -10.37
CA LEU A 79 4.39 4.94 -11.07
C LEU A 79 5.74 5.69 -11.03
N LEU A 80 6.67 5.27 -10.16
CA LEU A 80 7.81 6.15 -9.89
C LEU A 80 8.65 6.48 -11.14
N PRO A 81 9.03 5.48 -11.97
CA PRO A 81 9.85 5.85 -13.12
C PRO A 81 9.14 6.75 -14.15
N TYR A 82 7.80 6.68 -14.18
CA TYR A 82 7.00 7.40 -15.17
C TYR A 82 6.61 8.81 -14.77
N LEU A 83 6.37 9.02 -13.49
CA LEU A 83 5.97 10.35 -13.01
C LEU A 83 7.18 11.12 -12.43
N CYS A 84 8.17 10.45 -11.87
CA CYS A 84 9.33 11.24 -11.31
C CYS A 84 9.99 12.21 -12.30
N PRO A 85 10.09 11.83 -13.57
CA PRO A 85 10.64 12.80 -14.46
C PRO A 85 9.78 14.09 -14.68
N ARG A 86 8.49 14.05 -14.39
CA ARG A 86 7.58 15.20 -14.50
C ARG A 86 7.48 16.01 -13.21
N LEU A 87 8.24 15.62 -12.19
CA LEU A 87 8.16 16.16 -10.79
C LEU A 87 9.64 16.50 -10.50
N PRO A 88 10.12 17.58 -11.09
CA PRO A 88 11.56 17.87 -11.03
C PRO A 88 12.12 18.03 -9.58
N ASN A 89 11.28 18.42 -8.62
CA ASN A 89 11.79 18.68 -7.30
C ASN A 89 11.44 17.57 -6.28
N VAL A 90 10.91 16.43 -6.73
CA VAL A 90 10.42 15.46 -5.79
C VAL A 90 11.56 14.61 -5.25
N GLN A 91 11.42 14.23 -3.98
CA GLN A 91 12.29 13.29 -3.32
C GLN A 91 11.50 12.12 -2.85
N VAL A 92 11.89 10.93 -3.29
CA VAL A 92 11.15 9.73 -2.89
C VAL A 92 11.70 9.28 -1.59
N LEU A 93 10.80 9.09 -0.63
CA LEU A 93 11.20 8.63 0.71
C LEU A 93 10.73 7.16 0.90
N ALA A 94 11.69 6.27 1.12
CA ALA A 94 11.42 4.84 1.25
C ALA A 94 12.43 4.25 2.21
N SER A 95 12.07 3.07 2.72
CA SER A 95 12.96 2.37 3.64
C SER A 95 14.27 1.95 2.92
N GLU A 96 15.31 1.63 3.69
CA GLU A 96 16.57 1.20 3.06
CA GLU A 96 16.57 1.19 3.07
C GLU A 96 16.37 -0.07 2.24
N ARG A 97 15.59 -1.00 2.77
CA ARG A 97 15.33 -2.22 2.07
C ARG A 97 14.55 -2.00 0.82
N THR A 98 13.56 -1.09 0.87
CA THR A 98 12.80 -0.83 -0.36
C THR A 98 13.68 -0.19 -1.40
N CYS A 99 14.51 0.77 -0.97
CA CYS A 99 15.52 1.36 -1.86
C CYS A 99 16.43 0.30 -2.50
N GLN A 100 16.89 -0.67 -1.71
CA GLN A 100 17.73 -1.75 -2.22
C GLN A 100 17.06 -2.48 -3.39
N ALA A 101 15.74 -2.65 -3.26
CA ALA A 101 15.03 -3.40 -4.25
C ALA A 101 15.14 -2.75 -5.64
N TRP A 102 15.16 -1.42 -5.67
CA TRP A 102 15.17 -0.67 -6.91
C TRP A 102 16.58 -0.70 -7.53
N LYS A 103 17.52 -1.19 -6.76
CA LYS A 103 18.88 -1.38 -7.27
C LYS A 103 19.21 -2.80 -7.62
N SER A 104 18.24 -3.69 -7.50
CA SER A 104 18.40 -5.10 -7.90
C SER A 104 17.75 -5.38 -9.28
N GLU A 105 18.53 -5.94 -10.20
CA GLU A 105 18.02 -6.28 -11.54
C GLU A 105 16.87 -7.25 -11.52
N SER A 106 17.00 -8.32 -10.73
CA SER A 106 15.95 -9.34 -10.69
C SER A 106 14.69 -8.79 -10.08
N ALA A 107 14.86 -7.92 -9.06
CA ALA A 107 13.73 -7.33 -8.49
C ALA A 107 12.96 -6.42 -9.44
N VAL A 108 13.69 -5.51 -10.04
CA VAL A 108 13.09 -4.59 -10.98
C VAL A 108 12.40 -5.35 -12.09
N ARG A 109 13.01 -6.44 -12.54
CA ARG A 109 12.38 -7.24 -13.57
C ARG A 109 10.96 -7.73 -13.22
N VAL A 110 10.77 -8.23 -12.02
CA VAL A 110 9.51 -8.73 -11.54
C VAL A 110 8.51 -7.57 -11.51
N VAL A 111 8.94 -6.43 -10.94
CA VAL A 111 8.05 -5.25 -10.86
C VAL A 111 7.58 -4.78 -12.26
N GLU A 112 8.52 -4.70 -13.20
CA GLU A 112 8.15 -4.36 -14.56
C GLU A 112 7.25 -5.35 -15.23
N ARG A 113 7.53 -6.65 -15.05
CA ARG A 113 6.71 -7.66 -15.73
C ARG A 113 5.26 -7.64 -15.16
N LEU A 114 5.10 -7.53 -13.85
CA LEU A 114 3.77 -7.55 -13.27
C LEU A 114 3.02 -6.27 -13.65
N ASN A 115 3.73 -5.14 -13.74
CA ASN A 115 3.11 -3.89 -14.23
C ASN A 115 2.75 -3.97 -15.72
N ARG A 116 3.60 -4.57 -16.55
CA ARG A 116 3.24 -4.68 -17.96
C ARG A 116 1.94 -5.53 -18.19
N GLN A 117 1.65 -6.49 -17.33
CA GLN A 117 0.49 -7.34 -17.46
C GLN A 117 -0.83 -6.60 -17.30
N LEU A 118 -0.76 -5.39 -16.77
CA LEU A 118 -1.90 -4.58 -16.46
C LEU A 118 -2.10 -3.49 -17.50
N LEU A 119 -1.23 -3.46 -18.52
CA LEU A 119 -1.38 -2.45 -19.54
C LEU A 119 -2.63 -2.76 -20.37
N ARG A 120 -3.41 -1.76 -20.75
CA ARG A 120 -4.50 -2.05 -21.71
C ARG A 120 -3.89 -2.05 -23.09
N ALA A 121 -4.59 -2.75 -24.01
CA ALA A 121 -4.23 -2.82 -25.47
C ALA A 121 -3.71 -1.52 -26.08
N GLU A 122 -4.42 -0.41 -25.80
CA GLU A 122 -4.05 0.88 -26.44
C GLU A 122 -2.67 1.38 -25.99
N GLN A 123 -2.47 1.42 -24.69
CA GLN A 123 -1.65 2.46 -24.10
C GLN A 123 -0.13 2.19 -24.18
N ARG A 124 0.60 3.31 -24.22
CA ARG A 124 2.05 3.29 -24.14
C ARG A 124 2.37 3.98 -22.86
N LEU A 125 3.36 3.48 -22.15
CA LEU A 125 3.86 4.19 -20.98
C LEU A 125 4.69 5.35 -21.44
N PRO A 126 4.71 6.45 -20.66
CA PRO A 126 5.64 7.54 -20.97
C PRO A 126 7.07 7.10 -20.79
N GLU A 127 8.01 7.96 -21.17
CA GLU A 127 9.44 7.68 -20.99
CA GLU A 127 9.37 7.54 -21.02
C GLU A 127 9.68 7.50 -19.51
N ALA A 128 10.51 6.53 -19.15
CA ALA A 128 10.78 6.16 -17.75
C ALA A 128 12.19 6.56 -17.34
N CYS A 129 12.33 7.02 -16.09
CA CYS A 129 13.59 7.17 -15.29
C CYS A 129 14.11 5.74 -15.12
N ALA A 130 15.43 5.54 -15.11
CA ALA A 130 16.00 4.29 -14.67
C ALA A 130 15.62 4.07 -13.20
N TRP A 131 15.24 2.83 -12.83
CA TRP A 131 14.93 2.54 -11.44
C TRP A 131 16.09 2.91 -10.48
N ASP A 132 17.35 2.68 -10.86
CA ASP A 132 18.48 2.98 -9.98
C ASP A 132 18.88 4.45 -10.04
N ALA A 133 18.14 5.22 -10.83
CA ALA A 133 18.32 6.69 -10.96
C ALA A 133 17.24 7.53 -10.27
N LEU A 134 16.32 6.88 -9.56
CA LEU A 134 15.22 7.61 -8.94
C LEU A 134 15.77 8.54 -7.84
N PRO A 135 15.10 9.66 -7.60
CA PRO A 135 15.61 10.59 -6.60
C PRO A 135 15.26 10.17 -5.19
N VAL A 136 15.92 9.16 -4.65
CA VAL A 136 15.49 8.56 -3.37
C VAL A 136 16.26 9.04 -2.19
N ARG A 137 15.62 9.17 -1.04
CA ARG A 137 16.34 9.31 0.25
C ARG A 137 15.83 8.23 1.17
N ALA A 138 16.73 7.36 1.61
CA ALA A 138 16.28 6.27 2.48
C ALA A 138 15.88 6.82 3.81
N VAL A 139 14.80 6.29 4.41
CA VAL A 139 14.39 6.73 5.77
C VAL A 139 14.44 5.57 6.73
N ALA A 140 14.66 5.89 8.01
CA ALA A 140 14.88 4.90 9.06
C ALA A 140 13.65 4.64 9.92
N ASP A 141 13.56 3.47 10.50
CA ASP A 141 12.52 3.22 11.52
C ASP A 141 12.59 4.30 12.63
N GLY A 142 11.47 4.92 12.94
CA GLY A 142 11.34 5.94 13.97
C GLY A 142 11.67 7.34 13.53
N GLU A 143 12.13 7.47 12.31
CA GLU A 143 12.47 8.80 11.78
C GLU A 143 11.26 9.70 11.64
N TRP A 144 11.44 10.95 12.04
CA TRP A 144 10.48 12.02 11.85
C TRP A 144 10.66 12.66 10.47
N LEU A 145 9.60 12.73 9.70
CA LEU A 145 9.62 13.34 8.38
C LEU A 145 8.93 14.68 8.52
N GLU A 146 9.72 15.73 8.56
CA GLU A 146 9.19 17.10 8.64
C GLU A 146 8.86 17.59 7.27
N LEU A 147 7.68 17.26 6.79
CA LEU A 147 7.27 17.59 5.44
C LEU A 147 6.84 19.00 5.24
N GLY A 148 6.12 19.53 6.21
CA GLY A 148 5.72 20.97 6.21
C GLY A 148 5.36 21.45 7.63
N PRO A 149 5.01 22.73 7.76
CA PRO A 149 4.69 23.34 9.05
C PRO A 149 3.59 22.68 9.84
N ARG A 150 2.64 22.02 9.18
CA ARG A 150 1.63 21.25 9.91
C ARG A 150 1.59 19.80 9.48
N HIS A 151 2.71 19.28 8.93
CA HIS A 151 2.76 17.87 8.56
C HIS A 151 4.07 17.25 8.98
N ARG A 152 4.04 16.43 10.01
CA ARG A 152 5.15 15.77 10.55
C ARG A 152 4.72 14.31 10.67
N LEU A 153 5.40 13.39 9.94
CA LEU A 153 5.03 11.96 9.93
C LEU A 153 6.15 11.07 10.44
N GLN A 154 5.84 10.09 11.25
CA GLN A 154 6.87 9.20 11.78
C GLN A 154 6.86 7.94 10.96
N VAL A 155 8.05 7.50 10.56
CA VAL A 155 8.25 6.21 9.93
C VAL A 155 8.26 5.10 10.95
N ILE A 156 7.44 4.10 10.70
CA ILE A 156 7.38 2.89 11.60
C ILE A 156 7.58 1.62 10.82
N GLU A 157 8.59 0.84 11.23
CA GLU A 157 8.87 -0.44 10.51
C GLU A 157 7.65 -1.36 10.74
N ALA A 158 7.16 -2.03 9.69
CA ALA A 158 6.01 -2.86 9.80
C ALA A 158 6.18 -4.04 8.87
N HIS A 159 7.23 -4.81 9.13
CA HIS A 159 7.50 -5.94 8.26
C HIS A 159 6.48 -7.07 8.52
N GLY A 160 6.49 -8.04 7.64
CA GLY A 160 5.59 -9.23 7.73
C GLY A 160 4.85 -9.48 6.43
N HIS A 161 4.10 -8.48 5.99
CA HIS A 161 3.55 -8.52 4.66
C HIS A 161 4.65 -8.68 3.62
N SER A 162 5.66 -7.85 3.78
CA SER A 162 6.88 -7.87 3.03
C SER A 162 8.03 -7.52 3.90
N ASP A 163 9.25 -7.84 3.48
CA ASP A 163 10.37 -7.75 4.44
C ASP A 163 10.93 -6.30 4.58
N ASP A 164 10.32 -5.35 3.84
CA ASP A 164 10.78 -3.99 3.79
C ASP A 164 9.70 -2.98 4.18
N HIS A 165 8.53 -3.47 4.53
CA HIS A 165 7.35 -2.61 4.69
C HIS A 165 7.46 -1.67 5.86
N VAL A 166 7.08 -0.41 5.61
CA VAL A 166 6.95 0.62 6.63
C VAL A 166 5.56 1.26 6.52
N VAL A 167 5.15 1.92 7.59
CA VAL A 167 3.93 2.74 7.64
C VAL A 167 4.34 4.14 8.08
N PHE A 168 3.44 5.10 7.87
CA PHE A 168 3.76 6.51 8.16
C PHE A 168 2.58 7.06 8.98
N TYR A 169 2.93 7.56 10.15
CA TYR A 169 1.90 7.99 11.13
C TYR A 169 1.99 9.50 11.33
N ASP A 170 0.86 10.13 11.15
CA ASP A 170 0.65 11.56 11.39
C ASP A 170 -0.09 11.73 12.74
N VAL A 171 0.64 11.98 13.79
CA VAL A 171 -0.04 11.94 15.12
C VAL A 171 -0.94 13.17 15.31
N ARG A 172 -0.61 14.27 14.65
CA ARG A 172 -1.46 15.45 14.71
C ARG A 172 -2.84 15.15 14.27
N ARG A 173 -3.00 14.33 13.23
CA ARG A 173 -4.28 13.98 12.67
C ARG A 173 -4.80 12.57 13.05
N ARG A 174 -4.02 11.90 13.87
CA ARG A 174 -4.25 10.50 14.24
C ARG A 174 -4.53 9.71 12.93
N ARG A 175 -3.64 9.91 11.99
CA ARG A 175 -3.80 9.34 10.62
C ARG A 175 -2.63 8.41 10.28
N LEU A 176 -2.92 7.17 9.91
CA LEU A 176 -1.91 6.14 9.68
C LEU A 176 -2.09 5.74 8.21
N PHE A 177 -1.02 5.95 7.42
CA PHE A 177 -0.88 5.34 6.08
C PHE A 177 -0.24 3.98 6.28
N CYS A 178 -1.06 2.93 6.23
CA CYS A 178 -0.65 1.57 6.65
C CYS A 178 -0.22 0.62 5.55
N GLY A 179 -0.25 1.05 4.28
CA GLY A 179 0.13 0.16 3.27
C GLY A 179 -0.70 -1.11 3.34
N ASP A 180 -0.05 -2.25 3.17
CA ASP A 180 -0.72 -3.55 3.14
C ASP A 180 -0.44 -4.30 4.52
N ALA A 181 0.03 -3.58 5.54
CA ALA A 181 0.36 -4.28 6.81
C ALA A 181 -0.81 -4.76 7.61
N LEU A 182 -2.01 -4.25 7.37
CA LEU A 182 -3.23 -4.73 8.02
C LEU A 182 -3.97 -5.74 7.16
N GLY A 183 -3.48 -5.93 5.97
CA GLY A 183 -4.14 -6.76 4.97
C GLY A 183 -4.96 -5.91 4.01
N ALA A 184 -5.95 -6.53 3.41
CA ALA A 184 -6.89 -5.87 2.46
C ALA A 184 -8.20 -5.73 3.09
N PHE A 185 -8.74 -4.54 3.11
CA PHE A 185 -10.08 -4.33 3.69
C PHE A 185 -11.13 -4.87 2.73
N ASP A 186 -11.96 -5.78 3.20
CA ASP A 186 -13.09 -6.40 2.39
C ASP A 186 -14.29 -5.42 2.44
N GLU A 187 -14.50 -4.71 1.32
CA GLU A 187 -15.52 -3.69 1.16
C GLU A 187 -16.94 -4.29 1.32
N ALA A 188 -17.12 -5.55 0.94
CA ALA A 188 -18.43 -6.22 1.06
C ALA A 188 -18.82 -6.63 2.45
N GLU A 189 -17.86 -7.06 3.27
CA GLU A 189 -18.12 -7.64 4.59
C GLU A 189 -17.64 -6.82 5.78
N GLY A 190 -16.82 -5.82 5.53
CA GLY A 190 -16.36 -4.90 6.52
C GLY A 190 -15.25 -5.41 7.45
N VAL A 191 -14.46 -6.34 6.93
CA VAL A 191 -13.41 -7.05 7.73
C VAL A 191 -12.13 -7.02 6.93
N TRP A 192 -11.01 -7.24 7.62
CA TRP A 192 -9.71 -7.35 7.01
C TRP A 192 -9.46 -8.78 6.55
N ARG A 193 -8.83 -8.85 5.39
CA ARG A 193 -8.33 -10.05 4.76
CA ARG A 193 -8.32 -10.09 4.92
C ARG A 193 -6.78 -10.07 5.01
N PRO A 194 -6.25 -11.04 5.74
CA PRO A 194 -4.76 -11.02 5.98
C PRO A 194 -3.93 -11.15 4.73
N LEU A 195 -2.84 -10.41 4.65
CA LEU A 195 -1.91 -10.52 3.53
C LEU A 195 -0.48 -10.77 4.04
N VAL A 196 -0.27 -12.01 4.37
CA VAL A 196 0.96 -12.46 5.02
C VAL A 196 1.78 -13.10 3.98
N PHE A 197 2.61 -12.27 3.33
CA PHE A 197 3.37 -12.78 2.18
C PHE A 197 4.86 -12.92 2.49
N ASP A 198 5.34 -12.57 3.69
CA ASP A 198 6.73 -12.78 3.97
C ASP A 198 6.96 -13.54 5.26
N ASP A 199 6.34 -13.12 6.37
CA ASP A 199 6.68 -13.72 7.73
C ASP A 199 5.54 -13.45 8.71
N MET A 200 4.90 -14.53 9.20
CA MET A 200 3.73 -14.41 10.03
C MET A 200 4.11 -13.79 11.39
N GLU A 201 5.22 -14.18 11.99
CA GLU A 201 5.55 -13.64 13.35
C GLU A 201 5.81 -12.08 13.28
N ALA A 202 6.46 -11.66 12.22
CA ALA A 202 6.76 -10.24 12.02
C ALA A 202 5.46 -9.49 11.77
N TYR A 203 4.59 -10.11 10.96
CA TYR A 203 3.29 -9.46 10.56
C TYR A 203 2.45 -9.20 11.80
N LEU A 204 2.35 -10.23 12.65
CA LEU A 204 1.63 -10.12 13.92
C LEU A 204 2.30 -9.16 14.91
N GLU A 205 3.62 -9.20 15.04
CA GLU A 205 4.32 -8.25 15.93
C GLU A 205 4.17 -6.81 15.51
N SER A 206 4.14 -6.60 14.21
CA SER A 206 3.94 -5.26 13.69
C SER A 206 2.54 -4.77 14.07
N LEU A 207 1.53 -5.64 13.98
CA LEU A 207 0.18 -5.18 14.33
C LEU A 207 0.06 -4.93 15.84
N GLU A 208 0.73 -5.77 16.67
CA GLU A 208 0.85 -5.45 18.13
C GLU A 208 1.36 -4.07 18.38
N ARG A 209 2.39 -3.71 17.69
CA ARG A 209 2.96 -2.41 17.91
C ARG A 209 2.07 -1.33 17.41
N LEU A 210 1.45 -1.50 16.23
CA LEU A 210 0.60 -0.43 15.70
C LEU A 210 -0.59 -0.23 16.59
N GLN A 211 -1.06 -1.29 17.24
CA GLN A 211 -2.17 -1.16 18.19
C GLN A 211 -1.85 -0.22 19.34
N ARG A 212 -0.57 -0.05 19.69
CA ARG A 212 -0.18 0.85 20.76
C ARG A 212 -0.08 2.31 20.41
N LEU A 213 -0.23 2.66 19.12
CA LEU A 213 -0.28 4.08 18.71
C LEU A 213 -1.49 4.74 19.43
N PRO A 214 -1.38 6.07 19.65
CA PRO A 214 -2.61 6.75 20.06
C PRO A 214 -3.77 6.48 19.11
N THR A 215 -4.97 6.38 19.69
CA THR A 215 -6.14 6.05 18.95
C THR A 215 -6.25 6.70 17.62
N LEU A 216 -6.46 5.90 16.56
CA LEU A 216 -6.57 6.45 15.17
C LEU A 216 -7.91 7.05 14.86
N LEU A 217 -7.85 8.15 14.12
CA LEU A 217 -9.08 8.75 13.54
C LEU A 217 -9.21 8.35 12.04
N GLN A 218 -8.08 8.20 11.34
CA GLN A 218 -8.05 7.87 9.94
C GLN A 218 -7.03 6.80 9.61
N LEU A 219 -7.50 5.77 8.91
CA LEU A 219 -6.65 4.63 8.61
C LEU A 219 -6.71 4.42 7.10
N ILE A 220 -5.55 4.51 6.48
CA ILE A 220 -5.46 4.62 5.01
C ILE A 220 -4.57 3.49 4.51
N PRO A 221 -5.17 2.34 4.18
CA PRO A 221 -4.34 1.27 3.67
C PRO A 221 -3.91 1.48 2.21
N GLY A 222 -3.24 0.48 1.66
CA GLY A 222 -2.80 0.55 0.33
C GLY A 222 -3.88 0.40 -0.74
N HIS A 223 -5.04 -0.09 -0.41
CA HIS A 223 -6.05 -0.33 -1.38
C HIS A 223 -7.38 0.06 -0.72
N GLY A 224 -8.23 0.72 -1.49
CA GLY A 224 -9.60 0.87 -1.05
C GLY A 224 -10.09 2.16 -0.42
N GLY A 225 -9.21 3.10 -0.09
CA GLY A 225 -9.71 4.35 0.37
C GLY A 225 -9.37 4.58 1.85
N LEU A 226 -10.12 5.50 2.43
CA LEU A 226 -9.83 5.97 3.81
C LEU A 226 -10.86 5.42 4.74
N LEU A 227 -10.44 4.83 5.87
CA LEU A 227 -11.33 4.29 6.87
C LEU A 227 -11.29 5.21 8.12
N ARG A 228 -12.47 5.40 8.68
CA ARG A 228 -12.66 6.31 9.79
C ARG A 228 -13.56 5.76 10.87
N GLY A 229 -13.81 6.53 11.93
CA GLY A 229 -14.63 5.98 13.00
C GLY A 229 -14.07 4.75 13.64
N ARG A 230 -14.95 3.86 14.04
CA ARG A 230 -14.50 2.63 14.61
C ARG A 230 -13.61 1.78 13.76
N LEU A 231 -13.70 1.93 12.43
CA LEU A 231 -12.84 1.12 11.57
C LEU A 231 -11.41 1.54 11.72
N ALA A 232 -11.15 2.81 11.95
CA ALA A 232 -9.80 3.26 12.14
C ALA A 232 -9.32 2.93 13.55
N ALA A 233 -10.18 3.19 14.53
CA ALA A 233 -9.79 2.97 15.91
C ALA A 233 -9.46 1.54 16.16
N ASP A 234 -10.22 0.61 15.57
CA ASP A 234 -10.11 -0.82 15.89
C ASP A 234 -9.32 -1.55 14.84
N GLY A 235 -8.77 -0.83 13.86
CA GLY A 235 -8.18 -1.48 12.73
C GLY A 235 -7.05 -2.46 12.95
N ALA A 236 -6.03 -2.05 13.64
CA ALA A 236 -4.86 -2.91 13.87
C ALA A 236 -5.23 -4.17 14.68
N GLU A 237 -6.11 -3.95 15.69
CA GLU A 237 -6.59 -5.03 16.54
C GLU A 237 -7.41 -6.01 15.69
N SER A 238 -8.31 -5.49 14.86
CA SER A 238 -9.10 -6.35 14.00
C SER A 238 -8.29 -7.14 12.98
N ALA A 239 -7.34 -6.47 12.40
CA ALA A 239 -6.35 -7.12 11.44
C ALA A 239 -5.64 -8.29 12.09
N TYR A 240 -5.20 -8.12 13.36
CA TYR A 240 -4.54 -9.17 14.14
C TYR A 240 -5.51 -10.35 14.34
N THR A 241 -6.72 -10.04 14.78
CA THR A 241 -7.78 -11.04 15.00
C THR A 241 -8.05 -11.86 13.73
N GLU A 242 -8.18 -11.17 12.62
CA GLU A 242 -8.45 -11.87 11.32
C GLU A 242 -7.33 -12.73 10.84
N CYS A 243 -6.10 -12.36 11.16
CA CYS A 243 -4.95 -13.25 10.92
C CYS A 243 -4.94 -14.55 11.67
N LEU A 244 -5.24 -14.47 12.95
CA LEU A 244 -5.39 -15.65 13.80
C LEU A 244 -6.56 -16.51 13.39
N ARG A 245 -7.64 -15.91 12.91
CA ARG A 245 -8.80 -16.66 12.48
C ARG A 245 -8.46 -17.48 11.25
N LEU A 246 -7.66 -16.89 10.37
CA LEU A 246 -7.19 -17.63 9.17
C LEU A 246 -6.29 -18.73 9.53
N CYS A 247 -5.42 -18.48 10.49
CA CYS A 247 -4.53 -19.51 10.94
C CYS A 247 -5.29 -20.71 11.41
N ARG A 248 -6.28 -20.48 12.25
CA ARG A 248 -7.04 -21.57 12.80
C ARG A 248 -7.86 -22.29 11.75
N ARG A 249 -8.36 -21.59 10.75
CA ARG A 249 -9.11 -22.20 9.68
C ARG A 249 -8.22 -23.17 8.92
N LEU A 250 -7.04 -22.67 8.63
CA LEU A 250 -5.98 -23.52 8.02
C LEU A 250 -5.68 -24.75 8.85
N LEU A 251 -5.48 -24.59 10.13
CA LEU A 251 -5.16 -25.68 11.02
C LEU A 251 -6.32 -26.71 11.00
N TRP A 252 -7.58 -26.20 11.04
CA TRP A 252 -8.77 -27.08 10.92
C TRP A 252 -8.78 -27.92 9.65
N ARG A 253 -8.59 -27.29 8.53
CA ARG A 253 -8.71 -27.97 7.31
C ARG A 253 -7.57 -28.92 7.08
N GLN A 254 -6.35 -28.45 7.27
CA GLN A 254 -5.26 -29.43 7.28
C GLN A 254 -5.50 -30.60 8.27
N SER A 255 -6.04 -30.39 9.47
CA SER A 255 -6.31 -31.51 10.39
C SER A 255 -7.36 -32.43 9.84
N MET A 256 -8.10 -31.96 8.85
CA MET A 256 -9.00 -32.88 8.14
C MET A 256 -8.37 -33.44 6.90
N GLY A 257 -7.05 -33.45 6.86
CA GLY A 257 -6.34 -33.93 5.71
C GLY A 257 -6.54 -33.12 4.43
N GLU A 258 -6.95 -31.85 4.48
CA GLU A 258 -7.02 -31.13 3.21
C GLU A 258 -5.63 -30.68 2.79
N SER A 259 -5.43 -30.47 1.48
CA SER A 259 -4.13 -30.01 0.98
C SER A 259 -4.15 -28.52 1.04
N LEU A 260 -2.98 -27.89 0.99
CA LEU A 260 -2.94 -26.43 0.96
C LEU A 260 -3.88 -25.87 -0.07
N ASP A 261 -4.28 -26.65 -1.07
CA ASP A 261 -5.01 -26.02 -2.21
C ASP A 261 -6.55 -25.79 -2.05
N GLU A 262 -7.11 -26.58 -1.17
CA GLU A 262 -8.55 -26.49 -0.98
C GLU A 262 -8.77 -25.12 -0.37
N LEU A 263 -7.93 -24.74 0.60
CA LEU A 263 -8.26 -23.50 1.25
C LEU A 263 -7.87 -22.39 0.27
N SER A 264 -6.83 -22.62 -0.55
CA SER A 264 -6.30 -21.57 -1.43
C SER A 264 -7.38 -21.23 -2.45
N GLU A 265 -7.90 -22.27 -3.13
CA GLU A 265 -8.98 -22.07 -4.06
C GLU A 265 -10.20 -21.47 -3.34
N GLU A 266 -10.52 -21.95 -2.17
CA GLU A 266 -11.60 -21.29 -1.44
C GLU A 266 -11.30 -19.78 -1.19
N LEU A 267 -10.07 -19.45 -0.75
CA LEU A 267 -9.75 -18.04 -0.57
C LEU A 267 -9.67 -17.28 -1.89
N HIS A 268 -9.05 -17.88 -2.89
CA HIS A 268 -8.96 -17.21 -4.19
C HIS A 268 -10.39 -16.90 -4.69
N ARG A 269 -11.32 -17.82 -4.47
CA ARG A 269 -12.71 -17.64 -4.88
C ARG A 269 -13.43 -16.65 -3.99
N ALA A 270 -13.18 -16.69 -2.68
CA ALA A 270 -13.93 -15.85 -1.77
C ALA A 270 -13.44 -14.40 -1.88
N TRP A 271 -12.14 -14.21 -2.19
CA TRP A 271 -11.49 -12.88 -2.15
C TRP A 271 -10.89 -12.35 -3.46
N GLY A 272 -10.77 -13.17 -4.49
CA GLY A 272 -10.04 -12.76 -5.68
C GLY A 272 -10.70 -11.67 -6.48
N GLY A 273 -12.03 -11.50 -6.28
CA GLY A 273 -12.82 -10.60 -7.14
C GLY A 273 -12.53 -9.14 -6.88
N GLN A 274 -12.17 -8.84 -5.63
CA GLN A 274 -11.84 -7.44 -5.23
C GLN A 274 -10.60 -6.88 -5.95
N SER A 275 -9.59 -7.70 -6.22
CA SER A 275 -8.30 -7.18 -6.73
C SER A 275 -8.11 -7.47 -8.19
N VAL A 276 -9.13 -8.01 -8.84
CA VAL A 276 -8.90 -8.56 -10.20
C VAL A 276 -8.42 -7.48 -11.15
N ASP A 277 -8.73 -6.23 -10.84
CA ASP A 277 -8.30 -5.21 -11.75
C ASP A 277 -6.84 -4.76 -11.58
N PHE A 278 -6.21 -5.10 -10.45
CA PHE A 278 -4.78 -4.75 -10.32
C PHE A 278 -3.85 -5.92 -9.99
N LEU A 279 -4.38 -7.12 -9.75
CA LEU A 279 -3.55 -8.31 -9.48
C LEU A 279 -3.88 -9.32 -10.59
N PRO A 280 -2.92 -9.62 -11.45
CA PRO A 280 -3.22 -10.79 -12.34
C PRO A 280 -3.74 -12.05 -11.55
N GLY A 281 -4.72 -12.77 -12.10
CA GLY A 281 -5.40 -13.85 -11.36
C GLY A 281 -4.45 -14.95 -10.88
N GLU A 282 -3.51 -15.30 -11.75
CA GLU A 282 -2.52 -16.30 -11.35
C GLU A 282 -1.75 -15.76 -10.14
N LEU A 283 -1.57 -14.43 -10.06
CA LEU A 283 -0.86 -13.86 -8.88
C LEU A 283 -1.72 -13.91 -7.61
N HIS A 284 -3.03 -13.63 -7.69
CA HIS A 284 -3.83 -13.68 -6.49
C HIS A 284 -3.85 -15.12 -5.91
N LEU A 285 -4.18 -16.10 -6.76
CA LEU A 285 -4.22 -17.49 -6.28
C LEU A 285 -2.85 -17.91 -5.72
N GLY A 286 -1.80 -17.45 -6.38
CA GLY A 286 -0.43 -17.82 -6.02
C GLY A 286 -0.02 -17.11 -4.74
N SER A 287 -0.49 -15.86 -4.58
CA SER A 287 -0.33 -15.19 -3.30
C SER A 287 -1.06 -15.89 -2.15
N MET A 288 -2.29 -16.33 -2.40
CA MET A 288 -2.98 -17.15 -1.41
C MET A 288 -2.18 -18.37 -0.98
N ARG A 289 -1.67 -19.11 -1.98
CA ARG A 289 -0.92 -20.32 -1.74
C ARG A 289 0.28 -19.98 -0.91
N ARG A 290 1.00 -18.90 -1.25
CA ARG A 290 2.18 -18.52 -0.52
C ARG A 290 1.91 -18.14 0.91
N MET A 291 0.83 -17.42 1.13
CA MET A 291 0.47 -17.03 2.48
C MET A 291 0.18 -18.29 3.26
N LEU A 292 -0.51 -19.26 2.65
CA LEU A 292 -0.92 -20.41 3.42
C LEU A 292 0.28 -21.28 3.73
N GLU A 293 1.22 -21.30 2.80
CA GLU A 293 2.53 -21.95 3.03
C GLU A 293 3.26 -21.34 4.21
N ILE A 294 3.28 -20.03 4.27
CA ILE A 294 3.92 -19.32 5.39
C ILE A 294 3.24 -19.63 6.75
N LEU A 295 1.91 -19.50 6.80
CA LEU A 295 1.16 -19.80 8.03
C LEU A 295 1.36 -21.27 8.42
N SER A 296 1.37 -22.15 7.43
CA SER A 296 1.51 -23.57 7.71
C SER A 296 2.81 -23.84 8.35
N ARG A 297 3.87 -23.29 7.77
CA ARG A 297 5.23 -23.54 8.27
C ARG A 297 5.37 -23.09 9.67
N GLN A 298 4.79 -21.94 9.98
CA GLN A 298 5.03 -21.28 11.24
C GLN A 298 3.87 -21.59 12.15
N ALA A 299 3.38 -22.84 12.12
CA ALA A 299 2.15 -23.24 12.85
C ALA A 299 1.52 -24.55 12.39
FE FE B . 1.85 -5.54 -0.96
FE FE C . -0.69 -3.96 -2.47
CAG B4N D . -4.14 -6.82 -2.06
CAK B4N D . -5.57 -6.84 -2.08
CAS B4N D . -6.21 -8.08 -2.15
NAU B4N D . -7.58 -8.20 -2.05
OAD B4N D . -8.46 -7.20 -2.40
OAA B4N D . -8.15 -9.32 -1.39
CAL B4N D . -5.49 -9.26 -2.21
CAH B4N D . -4.10 -9.28 -2.24
CAQ B4N D . -3.44 -8.03 -2.15
OAO B4N D . -2.08 -8.20 -2.10
PAW B4N D . -0.97 -7.12 -2.38
OAF B4N D . -1.56 -5.77 -2.66
OAC B4N D . 0.20 -7.31 -1.48
OAP B4N D . -0.56 -7.61 -3.83
CAR B4N D . 0.56 -8.33 -4.10
CAI B4N D . 1.60 -7.64 -4.66
CAM B4N D . 2.79 -8.22 -5.00
CAT B4N D . 2.90 -9.59 -4.82
NAV B4N D . 4.03 -10.23 -5.22
OAE B4N D . 5.24 -10.13 -4.50
OAB B4N D . 3.80 -11.01 -6.40
CAN B4N D . 1.81 -10.34 -4.31
CAJ B4N D . 0.60 -9.71 -3.93
#